data_7XDV
#
_entry.id   7XDV
#
_cell.length_a   61.950
_cell.length_b   83.330
_cell.length_c   62.050
_cell.angle_alpha   90.000
_cell.angle_beta   93.390
_cell.angle_gamma   90.000
#
_symmetry.space_group_name_H-M   'P 1 21 1'
#
loop_
_entity.id
_entity.type
_entity.pdbx_description
1 polymer 'Receptor-like protein kinase FERONIA'
2 non-polymer "ADENOSINE-5'-TRIPHOSPHATE"
3 non-polymer 'MAGNESIUM ION'
4 water water
#
_entity_poly.entity_id   1
_entity_poly.type   'polypeptide(L)'
_entity_poly.pdbx_seq_one_letter_code
;MGSSHHHHHHSQGSSNLCRHFSFAEIKAATKNFDESRVLGVGGFGKVYRGEIDGGTTKVAIRRGNPMSEQGVHEFQTEIE
MLSKLRHRHLVSLIGYCEENCEMILVYDYMAHGTMREHLYKTQNPSLPWKQRLEICIGAARGLHYLHTGAKHTIIHRDVK
TTNILLDEKWVAKVSDFGLSKTGPTLDHTHVSTVVKGSFGYLDPEYFRRQQLTEKSDVYSFGVVLFEALCARPALNPTLA
KEQVSLAEWAPYCYKKGMLDQIVDPYLKGKITPECFKKFAETAMKCVLDQGIERPSMGDVLWNLEFALQLQES
;
_entity_poly.pdbx_strand_id   A,B
#
loop_
_chem_comp.id
_chem_comp.type
_chem_comp.name
_chem_comp.formula
ATP non-polymer ADENOSINE-5'-TRIPHOSPHATE 'C10 H16 N5 O13 P3'
MG non-polymer 'MAGNESIUM ION' 'Mg 2'
#
# COMPACT_ATOMS: atom_id res chain seq x y z
N CYS A 18 -7.84 -12.16 -14.02
CA CYS A 18 -8.70 -11.27 -14.79
C CYS A 18 -9.71 -12.04 -15.62
N ARG A 19 -10.98 -12.02 -15.22
CA ARG A 19 -11.99 -12.83 -15.86
C ARG A 19 -12.37 -12.24 -17.22
N HIS A 20 -12.66 -13.13 -18.17
CA HIS A 20 -13.22 -12.71 -19.45
C HIS A 20 -14.68 -13.12 -19.48
N PHE A 21 -15.55 -12.16 -19.76
CA PHE A 21 -16.98 -12.41 -19.84
C PHE A 21 -17.38 -12.49 -21.29
N SER A 22 -18.31 -13.41 -21.60
CA SER A 22 -18.99 -13.36 -22.87
C SER A 22 -19.90 -12.13 -22.94
N PHE A 23 -20.22 -11.74 -24.17
CA PHE A 23 -21.18 -10.66 -24.34
C PHE A 23 -22.58 -11.05 -23.86
N ALA A 24 -22.93 -12.34 -23.93
CA ALA A 24 -24.25 -12.74 -23.43
C ALA A 24 -24.33 -12.59 -21.92
N GLU A 25 -23.22 -12.83 -21.20
CA GLU A 25 -23.18 -12.60 -19.76
C GLU A 25 -23.37 -11.13 -19.42
N ILE A 26 -22.72 -10.24 -20.16
CA ILE A 26 -22.90 -8.81 -19.94
C ILE A 26 -24.35 -8.41 -20.18
N LYS A 27 -24.92 -8.92 -21.28
CA LYS A 27 -26.31 -8.61 -21.59
C LYS A 27 -27.24 -9.12 -20.49
N ALA A 28 -26.94 -10.31 -19.95
CA ALA A 28 -27.78 -10.87 -18.89
C ALA A 28 -27.59 -10.09 -17.60
N ALA A 29 -26.35 -9.73 -17.29
CA ALA A 29 -26.06 -9.00 -16.06
C ALA A 29 -26.79 -7.66 -16.03
N THR A 30 -27.00 -7.04 -17.18
CA THR A 30 -27.54 -5.69 -17.26
C THR A 30 -29.00 -5.69 -17.67
N LYS A 31 -29.61 -6.87 -17.82
CA LYS A 31 -31.00 -6.95 -18.21
C LYS A 31 -31.16 -6.36 -19.62
N ASN A 32 -30.21 -6.73 -20.49
CA ASN A 32 -30.11 -6.21 -21.86
C ASN A 32 -29.96 -4.70 -21.88
N PHE A 33 -28.98 -4.22 -21.11
CA PHE A 33 -28.63 -2.79 -21.00
C PHE A 33 -29.89 -1.94 -20.85
N ASP A 34 -30.73 -2.35 -19.92
CA ASP A 34 -31.96 -1.62 -19.67
C ASP A 34 -31.64 -0.23 -19.15
N GLU A 35 -32.40 0.76 -19.62
CA GLU A 35 -32.15 2.12 -19.14
C GLU A 35 -32.47 2.24 -17.66
N SER A 36 -33.32 1.35 -17.14
CA SER A 36 -33.51 1.09 -15.72
C SER A 36 -32.18 1.01 -14.94
N ARG A 37 -31.13 0.45 -15.55
CA ARG A 37 -29.89 0.15 -14.84
C ARG A 37 -28.76 1.13 -15.15
N VAL A 38 -29.01 2.18 -15.91
CA VAL A 38 -27.97 3.15 -16.23
C VAL A 38 -27.62 3.92 -14.96
N LEU A 39 -26.34 3.92 -14.60
CA LEU A 39 -25.87 4.72 -13.47
C LEU A 39 -25.35 6.08 -13.90
N GLY A 40 -24.99 6.24 -15.17
CA GLY A 40 -24.43 7.49 -15.64
C GLY A 40 -23.89 7.31 -17.05
N VAL A 41 -23.56 8.44 -17.64
CA VAL A 41 -22.95 8.46 -18.96
C VAL A 41 -21.68 9.29 -18.83
N GLY A 42 -20.66 8.90 -19.60
CA GLY A 42 -19.38 9.59 -19.56
C GLY A 42 -18.72 9.45 -20.90
N GLY A 43 -17.61 10.16 -21.07
CA GLY A 43 -16.92 10.16 -22.35
C GLY A 43 -16.62 8.79 -22.90
N PHE A 44 -16.37 7.82 -21.99
CA PHE A 44 -16.14 6.46 -22.44
C PHE A 44 -17.43 5.80 -22.90
N GLY A 45 -18.53 6.03 -22.19
CA GLY A 45 -19.79 5.43 -22.55
C GLY A 45 -20.68 5.33 -21.32
N LYS A 46 -21.71 4.50 -21.44
CA LYS A 46 -22.67 4.36 -20.36
C LYS A 46 -22.19 3.35 -19.33
N VAL A 47 -22.57 3.58 -18.08
CA VAL A 47 -22.21 2.71 -16.97
C VAL A 47 -23.50 2.13 -16.43
N TYR A 48 -23.54 0.80 -16.31
CA TYR A 48 -24.74 0.08 -15.91
C TYR A 48 -24.52 -0.59 -14.57
N ARG A 49 -25.59 -0.70 -13.79
CA ARG A 49 -25.60 -1.58 -12.63
C ARG A 49 -26.03 -2.97 -13.08
N GLY A 50 -25.33 -3.99 -12.59
CA GLY A 50 -25.69 -5.34 -12.94
C GLY A 50 -25.43 -6.29 -11.79
N GLU A 51 -25.78 -7.55 -12.00
CA GLU A 51 -25.31 -8.58 -11.09
C GLU A 51 -24.89 -9.81 -11.89
N ILE A 52 -23.92 -10.53 -11.34
CA ILE A 52 -23.32 -11.71 -11.94
C ILE A 52 -23.36 -12.81 -10.90
N ASP A 53 -22.92 -14.01 -11.30
CA ASP A 53 -22.75 -15.14 -10.38
C ASP A 53 -24.10 -15.54 -9.77
N GLY A 54 -25.11 -15.65 -10.61
CA GLY A 54 -26.45 -15.94 -10.11
C GLY A 54 -26.98 -14.91 -9.13
N GLY A 55 -26.59 -13.64 -9.30
CA GLY A 55 -27.11 -12.55 -8.50
C GLY A 55 -26.45 -12.31 -7.16
N THR A 56 -25.34 -12.96 -6.85
CA THR A 56 -24.70 -12.71 -5.55
C THR A 56 -23.71 -11.56 -5.56
N THR A 57 -23.24 -11.11 -6.73
CA THR A 57 -22.22 -10.08 -6.81
C THR A 57 -22.74 -8.91 -7.63
N LYS A 58 -22.78 -7.73 -7.04
CA LYS A 58 -23.23 -6.54 -7.75
C LYS A 58 -22.05 -5.92 -8.48
N VAL A 59 -22.30 -5.42 -9.69
CA VAL A 59 -21.21 -4.92 -10.52
C VAL A 59 -21.61 -3.60 -11.16
N ALA A 60 -20.59 -2.83 -11.52
CA ALA A 60 -20.76 -1.70 -12.42
C ALA A 60 -20.13 -2.08 -13.75
N ILE A 61 -20.86 -1.87 -14.84
CA ILE A 61 -20.46 -2.34 -16.15
C ILE A 61 -20.34 -1.14 -17.08
N ARG A 62 -19.15 -0.95 -17.66
CA ARG A 62 -18.90 0.12 -18.62
C ARG A 62 -18.83 -0.41 -20.04
N ARG A 63 -19.68 0.17 -20.92
CA ARG A 63 -19.83 -0.17 -22.32
C ARG A 63 -19.28 1.01 -23.13
N GLY A 64 -18.12 0.81 -23.76
CA GLY A 64 -17.47 1.84 -24.52
C GLY A 64 -17.81 1.79 -26.00
N ASN A 65 -17.19 2.67 -26.77
CA ASN A 65 -17.42 2.66 -28.20
C ASN A 65 -16.11 2.33 -28.89
N PRO A 66 -16.01 1.15 -29.53
CA PRO A 66 -14.72 0.73 -30.06
C PRO A 66 -14.27 1.47 -31.32
N MET A 67 -15.13 2.29 -31.92
CA MET A 67 -14.69 3.07 -33.06
C MET A 67 -13.78 4.21 -32.65
N SER A 68 -13.73 4.53 -31.37
CA SER A 68 -13.00 5.68 -30.85
C SER A 68 -11.57 5.31 -30.45
N GLU A 69 -10.57 5.98 -31.04
CA GLU A 69 -9.20 5.81 -30.56
C GLU A 69 -9.03 6.07 -29.07
N GLN A 70 -9.61 7.16 -28.57
CA GLN A 70 -9.41 7.48 -27.16
C GLN A 70 -10.01 6.38 -26.29
N GLY A 71 -11.23 5.94 -26.63
CA GLY A 71 -11.85 4.85 -25.90
C GLY A 71 -11.03 3.58 -25.91
N VAL A 72 -10.50 3.21 -27.08
CA VAL A 72 -9.69 2.01 -27.20
C VAL A 72 -8.42 2.13 -26.36
N HIS A 73 -7.80 3.30 -26.37
CA HIS A 73 -6.58 3.49 -25.59
C HIS A 73 -6.86 3.43 -24.10
N GLU A 74 -7.97 4.04 -23.67
CA GLU A 74 -8.33 4.01 -22.26
C GLU A 74 -8.76 2.61 -21.81
N PHE A 75 -9.48 1.89 -22.66
CA PHE A 75 -9.81 0.49 -22.39
C PHE A 75 -8.56 -0.33 -22.13
N GLN A 76 -7.60 -0.28 -23.04
CA GLN A 76 -6.41 -1.12 -22.86
C GLN A 76 -5.60 -0.68 -21.67
N THR A 77 -5.54 0.64 -21.42
CA THR A 77 -4.80 1.16 -20.28
C THR A 77 -5.41 0.69 -18.96
N GLU A 78 -6.73 0.75 -18.84
CA GLU A 78 -7.39 0.29 -17.62
C GLU A 78 -7.10 -1.18 -17.32
N ILE A 79 -7.18 -2.04 -18.35
CA ILE A 79 -6.93 -3.47 -18.16
C ILE A 79 -5.46 -3.72 -17.78
N GLU A 80 -4.53 -3.11 -18.52
CA GLU A 80 -3.12 -3.36 -18.23
C GLU A 80 -2.75 -2.88 -16.83
N MET A 81 -3.40 -1.82 -16.35
CA MET A 81 -3.13 -1.30 -15.00
C MET A 81 -3.80 -2.10 -13.91
N LEU A 82 -5.13 -2.24 -13.99
CA LEU A 82 -5.88 -2.79 -12.86
C LEU A 82 -5.73 -4.29 -12.73
N SER A 83 -5.48 -4.99 -13.84
CA SER A 83 -5.29 -6.43 -13.77
C SER A 83 -4.20 -6.82 -12.78
N LYS A 84 -3.29 -5.91 -12.43
CA LYS A 84 -2.20 -6.24 -11.53
C LYS A 84 -2.27 -5.54 -10.18
N LEU A 85 -3.30 -4.75 -9.91
CA LEU A 85 -3.37 -4.05 -8.63
C LEU A 85 -4.44 -4.65 -7.71
N ARG A 86 -4.18 -4.64 -6.40
CA ARG A 86 -5.17 -5.06 -5.40
C ARG A 86 -4.98 -4.20 -4.18
N HIS A 87 -5.99 -3.39 -3.87
CA HIS A 87 -5.87 -2.53 -2.72
C HIS A 87 -7.27 -2.12 -2.27
N ARG A 88 -7.46 -2.14 -0.96
CA ARG A 88 -8.74 -1.83 -0.35
C ARG A 88 -9.29 -0.49 -0.84
N HIS A 89 -8.42 0.43 -1.23
CA HIS A 89 -8.89 1.76 -1.57
C HIS A 89 -8.77 2.04 -3.07
N LEU A 90 -8.83 1.00 -3.89
CA LEU A 90 -8.92 1.08 -5.35
C LEU A 90 -10.14 0.28 -5.78
N VAL A 91 -10.91 0.79 -6.75
CA VAL A 91 -11.97 -0.04 -7.29
C VAL A 91 -11.35 -1.25 -7.98
N SER A 92 -11.97 -2.41 -7.82
CA SER A 92 -11.41 -3.62 -8.40
C SER A 92 -11.96 -3.88 -9.79
N LEU A 93 -11.09 -4.25 -10.71
CA LEU A 93 -11.53 -4.73 -12.01
C LEU A 93 -11.85 -6.21 -11.92
N ILE A 94 -13.11 -6.54 -12.12
CA ILE A 94 -13.49 -7.95 -12.09
C ILE A 94 -13.19 -8.61 -13.43
N GLY A 95 -13.50 -7.94 -14.53
CA GLY A 95 -13.17 -8.49 -15.82
C GLY A 95 -13.48 -7.54 -16.95
N TYR A 96 -13.55 -8.11 -18.16
CA TYR A 96 -13.77 -7.28 -19.34
C TYR A 96 -14.37 -8.18 -20.40
N CYS A 97 -14.91 -7.54 -21.43
CA CYS A 97 -15.42 -8.26 -22.58
C CYS A 97 -15.00 -7.47 -23.81
N GLU A 98 -14.33 -8.15 -24.73
CA GLU A 98 -13.95 -7.61 -26.02
C GLU A 98 -14.61 -8.40 -27.15
N GLU A 99 -15.61 -9.20 -26.79
CA GLU A 99 -16.24 -10.08 -27.75
C GLU A 99 -17.07 -9.25 -28.70
N ASN A 100 -17.11 -9.66 -29.97
CA ASN A 100 -17.78 -8.91 -31.03
C ASN A 100 -17.13 -7.54 -31.24
N CYS A 101 -15.83 -7.46 -30.96
CA CYS A 101 -15.08 -6.20 -30.99
C CYS A 101 -15.85 -5.12 -30.22
N GLU A 102 -16.12 -5.40 -28.96
CA GLU A 102 -16.73 -4.47 -28.03
C GLU A 102 -15.72 -4.15 -26.95
N MET A 103 -16.01 -3.12 -26.14
CA MET A 103 -15.09 -2.67 -25.11
C MET A 103 -15.89 -2.49 -23.83
N ILE A 104 -15.93 -3.53 -23.03
CA ILE A 104 -16.73 -3.57 -21.81
C ILE A 104 -15.80 -3.88 -20.63
N LEU A 105 -15.91 -3.08 -19.58
CA LEU A 105 -15.20 -3.23 -18.31
C LEU A 105 -16.18 -3.52 -17.20
N VAL A 106 -15.82 -4.43 -16.30
CA VAL A 106 -16.70 -4.92 -15.24
C VAL A 106 -16.01 -4.66 -13.90
N TYR A 107 -16.66 -3.87 -13.04
CA TYR A 107 -16.10 -3.45 -11.77
C TYR A 107 -16.97 -3.90 -10.60
N ASP A 108 -16.37 -3.87 -9.41
CA ASP A 108 -17.16 -3.87 -8.18
C ASP A 108 -18.10 -2.68 -8.16
N TYR A 109 -19.34 -2.92 -7.75
CA TYR A 109 -20.33 -1.87 -7.59
C TYR A 109 -20.07 -1.03 -6.34
N MET A 110 -20.10 0.30 -6.49
CA MET A 110 -19.90 1.24 -5.38
C MET A 110 -21.24 1.92 -5.06
N ALA A 111 -21.94 1.40 -4.05
CA ALA A 111 -23.35 1.72 -3.83
C ALA A 111 -23.63 3.18 -3.50
N HIS A 112 -22.65 3.94 -2.99
CA HIS A 112 -22.89 5.33 -2.64
C HIS A 112 -22.29 6.31 -3.64
N GLY A 113 -21.89 5.83 -4.81
CA GLY A 113 -21.62 6.77 -5.87
C GLY A 113 -20.31 7.51 -5.65
N THR A 114 -20.24 8.74 -6.15
CA THR A 114 -19.00 9.51 -6.09
C THR A 114 -18.96 10.40 -4.85
N MET A 115 -17.74 10.73 -4.44
CA MET A 115 -17.53 11.71 -3.40
C MET A 115 -18.23 13.03 -3.72
N ARG A 116 -18.18 13.46 -5.00
CA ARG A 116 -18.74 14.76 -5.39
C ARG A 116 -20.24 14.85 -5.10
N GLU A 117 -20.99 13.77 -5.38
CA GLU A 117 -22.43 13.72 -5.13
C GLU A 117 -22.82 13.80 -3.65
N HIS A 118 -21.86 13.76 -2.74
CA HIS A 118 -22.14 13.98 -1.34
C HIS A 118 -21.58 15.29 -0.82
N LEU A 119 -21.04 16.13 -1.70
CA LEU A 119 -20.46 17.40 -1.31
C LEU A 119 -21.28 18.61 -1.72
N TYR A 120 -21.84 18.65 -2.93
CA TYR A 120 -22.55 19.85 -3.39
C TYR A 120 -23.37 19.51 -4.63
N LYS A 121 -24.28 20.43 -4.97
CA LYS A 121 -25.20 20.32 -6.11
C LYS A 121 -25.97 18.99 -6.05
N THR A 122 -26.57 18.72 -4.90
CA THR A 122 -27.09 17.39 -4.60
C THR A 122 -28.17 17.54 -3.56
N GLN A 123 -29.07 16.56 -3.47
CA GLN A 123 -29.97 16.51 -2.33
C GLN A 123 -29.56 15.45 -1.33
N ASN A 124 -28.37 14.87 -1.49
CA ASN A 124 -27.87 14.00 -0.44
C ASN A 124 -27.56 14.87 0.78
N PRO A 125 -27.75 14.33 1.98
CA PRO A 125 -27.39 15.09 3.17
C PRO A 125 -25.88 15.29 3.25
N SER A 126 -25.48 16.32 4.00
CA SER A 126 -24.07 16.65 4.10
C SER A 126 -23.35 15.64 4.98
N LEU A 127 -22.07 15.41 4.72
CA LEU A 127 -21.35 14.40 5.46
C LEU A 127 -20.72 15.02 6.72
N PRO A 128 -20.80 14.32 7.85
CA PRO A 128 -20.07 14.77 9.05
C PRO A 128 -18.57 14.87 8.79
N TRP A 129 -17.91 15.73 9.57
CA TRP A 129 -16.51 16.03 9.29
C TRP A 129 -15.61 14.81 9.41
N LYS A 130 -15.83 14.00 10.46
CA LYS A 130 -14.97 12.83 10.64
C LYS A 130 -15.09 11.88 9.44
N GLN A 131 -16.31 11.67 8.97
CA GLN A 131 -16.53 10.87 7.76
C GLN A 131 -15.81 11.47 6.55
N ARG A 132 -15.90 12.78 6.34
CA ARG A 132 -15.14 13.36 5.22
C ARG A 132 -13.65 13.11 5.37
N LEU A 133 -13.11 13.30 6.57
CA LEU A 133 -11.68 13.08 6.77
C LEU A 133 -11.30 11.63 6.54
N GLU A 134 -12.10 10.69 7.03
CA GLU A 134 -11.83 9.28 6.75
C GLU A 134 -11.90 8.97 5.24
N ILE A 135 -12.80 9.64 4.49
CA ILE A 135 -12.83 9.44 3.04
C ILE A 135 -11.54 9.95 2.40
N CYS A 136 -11.04 11.09 2.86
CA CYS A 136 -9.79 11.63 2.32
C CYS A 136 -8.59 10.76 2.68
N ILE A 137 -8.59 10.19 3.89
CA ILE A 137 -7.50 9.28 4.26
C ILE A 137 -7.54 8.02 3.39
N GLY A 138 -8.73 7.46 3.16
CA GLY A 138 -8.84 6.28 2.30
C GLY A 138 -8.35 6.53 0.89
N ALA A 139 -8.75 7.66 0.31
CA ALA A 139 -8.26 8.00 -1.02
C ALA A 139 -6.76 8.22 -1.01
N ALA A 140 -6.22 8.84 0.06
CA ALA A 140 -4.77 9.02 0.14
C ALA A 140 -4.03 7.68 0.22
N ARG A 141 -4.59 6.70 0.92
CA ARG A 141 -3.95 5.38 0.97
C ARG A 141 -3.91 4.74 -0.41
N GLY A 142 -4.99 4.90 -1.19
CA GLY A 142 -5.00 4.35 -2.55
C GLY A 142 -3.97 5.00 -3.45
N LEU A 143 -3.88 6.33 -3.39
CA LEU A 143 -2.86 7.03 -4.18
C LEU A 143 -1.46 6.67 -3.73
N HIS A 144 -1.25 6.53 -2.41
CA HIS A 144 0.06 6.15 -1.92
C HIS A 144 0.46 4.78 -2.46
N TYR A 145 -0.46 3.83 -2.44
CA TYR A 145 -0.23 2.54 -3.08
C TYR A 145 0.15 2.71 -4.56
N LEU A 146 -0.55 3.56 -5.31
CA LEU A 146 -0.17 3.75 -6.72
C LEU A 146 1.27 4.23 -6.87
N HIS A 147 1.70 5.13 -5.97
CA HIS A 147 3.02 5.71 -6.12
C HIS A 147 4.13 4.82 -5.57
N THR A 148 3.81 3.92 -4.65
CA THR A 148 4.87 3.16 -3.96
C THR A 148 4.67 1.65 -3.96
N GLY A 149 3.51 1.13 -4.34
CA GLY A 149 3.24 -0.28 -4.13
C GLY A 149 3.20 -1.13 -5.40
N ALA A 150 3.16 -0.49 -6.56
CA ALA A 150 3.22 -1.25 -7.80
C ALA A 150 4.66 -1.42 -8.26
N LYS A 151 4.84 -2.25 -9.30
CA LYS A 151 6.20 -2.53 -9.79
C LYS A 151 6.94 -1.25 -10.20
N HIS A 152 6.26 -0.31 -10.84
CA HIS A 152 6.78 1.03 -11.05
C HIS A 152 5.75 2.03 -10.51
N THR A 153 6.23 3.24 -10.22
CA THR A 153 5.34 4.33 -9.90
C THR A 153 4.24 4.41 -10.93
N ILE A 154 3.00 4.54 -10.48
CA ILE A 154 1.86 4.76 -11.37
C ILE A 154 1.36 6.18 -11.12
N ILE A 155 1.27 6.96 -12.18
CA ILE A 155 0.69 8.31 -12.13
C ILE A 155 -0.75 8.21 -12.60
N HIS A 156 -1.71 8.53 -11.73
CA HIS A 156 -3.12 8.34 -12.07
C HIS A 156 -3.56 9.30 -13.16
N ARG A 157 -3.20 10.58 -12.99
CA ARG A 157 -3.43 11.70 -13.89
C ARG A 157 -4.87 12.19 -13.96
N ASP A 158 -5.81 11.63 -13.22
CA ASP A 158 -7.16 12.17 -13.27
C ASP A 158 -7.79 12.08 -11.91
N VAL A 159 -7.05 12.53 -10.89
CA VAL A 159 -7.59 12.54 -9.54
C VAL A 159 -8.58 13.69 -9.45
N LYS A 160 -9.81 13.38 -9.02
CA LYS A 160 -10.83 14.39 -8.84
C LYS A 160 -11.98 13.76 -8.07
N THR A 161 -12.94 14.60 -7.61
CA THR A 161 -13.96 14.07 -6.69
C THR A 161 -14.97 13.17 -7.37
N THR A 162 -15.06 13.17 -8.70
CA THR A 162 -15.89 12.17 -9.34
C THR A 162 -15.19 10.84 -9.51
N ASN A 163 -13.89 10.78 -9.25
CA ASN A 163 -13.10 9.55 -9.43
C ASN A 163 -12.68 8.96 -8.10
N ILE A 164 -13.38 9.37 -7.04
CA ILE A 164 -13.33 8.72 -5.74
C ILE A 164 -14.74 8.25 -5.46
N LEU A 165 -14.91 6.94 -5.35
CA LEU A 165 -16.19 6.29 -5.19
C LEU A 165 -16.32 5.78 -3.76
N LEU A 166 -17.56 5.54 -3.31
CA LEU A 166 -17.86 5.13 -1.95
C LEU A 166 -18.71 3.86 -2.02
N ASP A 167 -18.28 2.82 -1.29
CA ASP A 167 -19.03 1.55 -1.27
C ASP A 167 -20.09 1.61 -0.17
N GLU A 168 -20.81 0.47 0.08
CA GLU A 168 -21.99 0.68 0.93
C GLU A 168 -21.58 0.97 2.35
N LYS A 169 -20.36 0.63 2.76
CA LYS A 169 -19.89 0.99 4.08
C LYS A 169 -19.07 2.28 4.07
N TRP A 170 -19.22 3.10 3.01
CA TRP A 170 -18.57 4.41 2.91
C TRP A 170 -17.06 4.34 2.80
N VAL A 171 -16.52 3.20 2.39
CA VAL A 171 -15.08 3.08 2.14
C VAL A 171 -14.73 3.76 0.81
N ALA A 172 -13.72 4.63 0.83
CA ALA A 172 -13.38 5.42 -0.35
C ALA A 172 -12.48 4.62 -1.28
N LYS A 173 -12.78 4.65 -2.59
CA LYS A 173 -11.99 3.93 -3.58
C LYS A 173 -11.65 4.80 -4.78
N VAL A 174 -10.37 4.83 -5.14
CA VAL A 174 -9.94 5.51 -6.34
C VAL A 174 -10.33 4.72 -7.59
N SER A 175 -10.86 5.40 -8.61
CA SER A 175 -11.33 4.75 -9.83
C SER A 175 -10.82 5.50 -11.06
N ASP A 176 -11.16 4.95 -12.23
CA ASP A 176 -10.98 5.58 -13.55
C ASP A 176 -9.51 5.74 -13.93
N PHE A 177 -8.91 4.66 -14.40
CA PHE A 177 -7.48 4.61 -14.71
C PHE A 177 -7.16 4.81 -16.19
N GLY A 178 -8.13 5.22 -17.01
CA GLY A 178 -7.90 5.34 -18.43
C GLY A 178 -6.78 6.29 -18.83
N LEU A 179 -6.41 7.24 -17.97
CA LEU A 179 -5.37 8.18 -18.35
C LEU A 179 -4.05 7.91 -17.64
N SER A 180 -3.96 6.87 -16.82
CA SER A 180 -2.78 6.65 -15.99
C SER A 180 -1.57 6.27 -16.84
N LYS A 181 -0.38 6.49 -16.31
CA LYS A 181 0.84 6.14 -17.04
C LYS A 181 1.82 5.57 -16.02
N THR A 182 2.71 4.69 -16.49
CA THR A 182 3.60 3.94 -15.60
C THR A 182 4.96 3.68 -16.24
N GLY A 183 5.94 3.37 -15.39
CA GLY A 183 7.26 2.92 -15.79
C GLY A 183 8.35 3.98 -15.74
N PRO A 184 9.61 3.54 -15.48
CA PRO A 184 10.72 4.49 -15.48
C PRO A 184 11.02 5.10 -16.84
N THR A 185 10.39 6.23 -17.09
CA THR A 185 10.54 6.99 -18.33
C THR A 185 12.00 7.33 -18.60
N SER A 198 -8.86 17.30 -16.23
CA SER A 198 -10.05 18.13 -16.05
C SER A 198 -9.66 19.47 -15.45
N PHE A 199 -10.38 20.54 -15.80
CA PHE A 199 -9.80 21.87 -15.74
C PHE A 199 -9.32 22.24 -14.34
N GLY A 200 -10.18 22.22 -13.35
CA GLY A 200 -9.65 22.73 -12.05
C GLY A 200 -8.65 21.83 -11.32
N TYR A 201 -8.28 20.69 -11.89
CA TYR A 201 -7.37 19.77 -11.23
C TYR A 201 -6.02 19.64 -11.91
N LEU A 202 -5.81 20.29 -13.04
CA LEU A 202 -4.59 20.13 -13.82
C LEU A 202 -3.43 20.82 -13.14
N ASP A 203 -2.33 20.11 -12.97
CA ASP A 203 -1.10 20.66 -12.45
C ASP A 203 -0.59 21.77 -13.37
N PRO A 204 -0.57 23.02 -12.92
CA PRO A 204 -0.10 24.10 -13.81
C PRO A 204 1.36 23.98 -14.18
N GLU A 205 2.16 23.33 -13.35
CA GLU A 205 3.58 23.16 -13.66
C GLU A 205 3.78 22.26 -14.87
N TYR A 206 2.84 21.35 -15.11
CA TYR A 206 2.93 20.52 -16.32
C TYR A 206 2.94 21.37 -17.60
N PHE A 207 2.22 22.48 -17.63
CA PHE A 207 2.19 23.33 -18.80
C PHE A 207 3.41 24.20 -18.94
N ARG A 208 4.41 23.99 -18.10
CA ARG A 208 5.59 24.83 -18.06
C ARG A 208 6.84 23.96 -18.09
N ARG A 209 6.88 22.92 -17.27
CA ARG A 209 8.02 22.02 -17.24
C ARG A 209 7.83 20.79 -18.11
N GLN A 210 6.59 20.50 -18.53
CA GLN A 210 6.29 19.40 -19.45
C GLN A 210 6.86 18.07 -18.98
N GLN A 211 6.76 17.78 -17.69
CA GLN A 211 7.34 16.59 -17.11
C GLN A 211 6.23 15.81 -16.42
N LEU A 212 6.39 14.51 -16.36
CA LEU A 212 5.39 13.69 -15.70
C LEU A 212 5.99 13.31 -14.38
N THR A 213 5.23 13.54 -13.31
CA THR A 213 5.70 13.22 -11.98
C THR A 213 4.51 12.84 -11.14
N GLU A 214 4.74 12.00 -10.15
CA GLU A 214 3.63 11.70 -9.27
C GLU A 214 3.21 12.95 -8.49
N LYS A 215 4.05 13.98 -8.43
CA LYS A 215 3.63 15.21 -7.77
C LYS A 215 2.45 15.88 -8.47
N SER A 216 2.13 15.47 -9.70
CA SER A 216 0.94 16.00 -10.34
C SER A 216 -0.33 15.41 -9.74
N ASP A 217 -0.29 14.15 -9.27
CA ASP A 217 -1.40 13.59 -8.48
C ASP A 217 -1.54 14.28 -7.13
N VAL A 218 -0.41 14.60 -6.50
CA VAL A 218 -0.45 15.29 -5.21
C VAL A 218 -1.19 16.62 -5.36
N TYR A 219 -0.88 17.36 -6.44
CA TYR A 219 -1.57 18.62 -6.72
C TYR A 219 -3.07 18.42 -6.84
N SER A 220 -3.48 17.52 -7.76
CA SER A 220 -4.89 17.18 -7.91
C SER A 220 -5.52 16.79 -6.59
N PHE A 221 -4.80 16.01 -5.78
CA PHE A 221 -5.38 15.58 -4.53
C PHE A 221 -5.53 16.75 -3.56
N GLY A 222 -4.63 17.73 -3.62
CA GLY A 222 -4.80 18.91 -2.76
C GLY A 222 -6.10 19.63 -3.10
N VAL A 223 -6.47 19.63 -4.38
CA VAL A 223 -7.69 20.29 -4.79
C VAL A 223 -8.89 19.55 -4.22
N VAL A 224 -8.84 18.21 -4.26
CA VAL A 224 -9.88 17.36 -3.66
C VAL A 224 -10.04 17.66 -2.17
N LEU A 225 -8.93 17.86 -1.46
CA LEU A 225 -9.01 18.21 -0.02
C LEU A 225 -9.72 19.55 0.20
N PHE A 226 -9.41 20.56 -0.62
CA PHE A 226 -10.15 21.82 -0.47
C PHE A 226 -11.62 21.67 -0.86
N GLU A 227 -11.95 20.78 -1.79
CA GLU A 227 -13.35 20.50 -2.12
C GLU A 227 -14.10 19.90 -0.95
N ALA A 228 -13.48 18.95 -0.25
CA ALA A 228 -14.12 18.34 0.91
C ALA A 228 -14.39 19.38 2.00
N LEU A 229 -13.56 20.39 2.09
CA LEU A 229 -13.67 21.40 3.15
C LEU A 229 -14.64 22.51 2.78
N CYS A 230 -14.61 22.93 1.50
CA CYS A 230 -15.35 24.09 1.03
C CYS A 230 -16.63 23.73 0.31
N ALA A 231 -16.80 22.47 -0.10
CA ALA A 231 -18.02 21.97 -0.74
C ALA A 231 -18.44 22.86 -1.91
N ARG A 232 -17.51 23.10 -2.84
CA ARG A 232 -17.80 23.82 -4.09
C ARG A 232 -16.90 23.23 -5.17
N PRO A 233 -17.23 23.45 -6.45
CA PRO A 233 -16.42 22.92 -7.56
C PRO A 233 -14.98 23.41 -7.52
N ALA A 234 -14.08 22.60 -8.09
CA ALA A 234 -12.68 23.00 -8.25
C ALA A 234 -12.58 24.21 -9.16
N LEU A 235 -13.44 24.27 -10.16
CA LEU A 235 -13.46 25.38 -11.09
C LEU A 235 -14.90 25.88 -11.21
N ASN A 236 -15.12 27.14 -10.90
CA ASN A 236 -16.41 27.77 -11.15
C ASN A 236 -16.20 28.98 -12.06
N PRO A 237 -16.46 28.85 -13.36
CA PRO A 237 -16.08 29.92 -14.31
C PRO A 237 -16.96 31.17 -14.25
N THR A 238 -18.00 31.23 -13.40
CA THR A 238 -18.80 32.44 -13.30
C THR A 238 -18.30 33.42 -12.24
N LEU A 239 -17.31 33.06 -11.45
CA LEU A 239 -16.94 33.87 -10.30
C LEU A 239 -15.95 34.97 -10.67
N ALA A 240 -15.73 35.89 -9.71
CA ALA A 240 -14.60 36.81 -9.78
C ALA A 240 -13.30 36.05 -10.09
N LYS A 241 -12.44 36.68 -10.90
CA LYS A 241 -11.22 36.02 -11.37
C LYS A 241 -10.44 35.30 -10.26
N GLU A 242 -10.30 35.92 -9.09
CA GLU A 242 -9.45 35.35 -8.01
C GLU A 242 -10.07 34.10 -7.39
N GLN A 243 -11.37 33.89 -7.60
CA GLN A 243 -12.10 32.80 -6.98
C GLN A 243 -12.34 31.63 -7.93
N VAL A 244 -12.16 31.83 -9.24
CA VAL A 244 -12.57 30.82 -10.21
C VAL A 244 -11.98 29.47 -9.84
N SER A 245 -10.67 29.45 -9.58
CA SER A 245 -9.98 28.18 -9.31
C SER A 245 -9.75 27.99 -7.81
N LEU A 246 -10.34 26.91 -7.26
CA LEU A 246 -10.27 26.64 -5.85
C LEU A 246 -8.81 26.43 -5.44
N ALA A 247 -8.01 25.85 -6.34
CA ALA A 247 -6.58 25.65 -6.07
C ALA A 247 -5.86 26.97 -5.76
N GLU A 248 -6.31 28.09 -6.33
CA GLU A 248 -5.69 29.38 -6.02
C GLU A 248 -6.42 30.16 -4.92
N TRP A 249 -7.75 30.06 -4.91
CA TRP A 249 -8.56 30.85 -3.98
C TRP A 249 -8.38 30.40 -2.54
N ALA A 250 -8.40 29.09 -2.29
CA ALA A 250 -8.37 28.65 -0.92
C ALA A 250 -7.03 28.96 -0.23
N PRO A 251 -5.87 28.68 -0.83
CA PRO A 251 -4.60 29.14 -0.20
C PRO A 251 -4.59 30.61 0.09
N TYR A 252 -5.09 31.40 -0.86
CA TYR A 252 -5.18 32.84 -0.69
C TYR A 252 -6.05 33.21 0.50
N CYS A 253 -7.20 32.54 0.65
CA CYS A 253 -8.06 32.87 1.79
C CYS A 253 -7.41 32.46 3.10
N TYR A 254 -6.69 31.32 3.10
CA TYR A 254 -6.01 30.88 4.32
C TYR A 254 -4.94 31.88 4.77
N LYS A 255 -4.16 32.40 3.83
CA LYS A 255 -3.16 33.40 4.16
C LYS A 255 -3.78 34.68 4.69
N LYS A 256 -4.93 35.09 4.16
CA LYS A 256 -5.56 36.31 4.64
C LYS A 256 -6.47 36.05 5.85
N GLY A 257 -6.41 34.87 6.46
CA GLY A 257 -7.17 34.60 7.65
C GLY A 257 -8.66 34.45 7.45
N MET A 258 -9.10 34.17 6.22
CA MET A 258 -10.53 34.08 5.94
C MET A 258 -10.94 32.75 5.30
N LEU A 259 -10.12 31.69 5.45
CA LEU A 259 -10.52 30.38 4.92
C LEU A 259 -11.81 29.90 5.58
N ASP A 260 -11.94 30.13 6.89
CA ASP A 260 -13.15 29.80 7.62
C ASP A 260 -14.39 30.41 6.98
N GLN A 261 -14.24 31.50 6.23
CA GLN A 261 -15.41 32.10 5.61
C GLN A 261 -15.86 31.43 4.32
N ILE A 262 -15.03 30.56 3.71
CA ILE A 262 -15.45 29.82 2.51
C ILE A 262 -15.59 28.33 2.78
N VAL A 263 -15.53 27.93 4.05
CA VAL A 263 -15.74 26.56 4.46
C VAL A 263 -17.20 26.18 4.24
N ASP A 264 -17.45 24.93 3.95
CA ASP A 264 -18.83 24.44 3.85
C ASP A 264 -19.64 24.91 5.07
N PRO A 265 -20.81 25.52 4.86
CA PRO A 265 -21.61 25.99 6.01
C PRO A 265 -21.95 24.89 7.01
N TYR A 266 -22.18 23.65 6.56
CA TYR A 266 -22.40 22.56 7.49
C TYR A 266 -21.20 22.36 8.41
N LEU A 267 -19.99 22.65 7.94
CA LEU A 267 -18.82 22.34 8.75
C LEU A 267 -18.47 23.40 9.77
N LYS A 268 -19.15 24.55 9.77
CA LYS A 268 -18.73 25.67 10.59
C LYS A 268 -18.90 25.35 12.06
N GLY A 269 -17.84 25.56 12.83
CA GLY A 269 -17.88 25.22 14.23
C GLY A 269 -17.67 23.76 14.53
N LYS A 270 -17.40 22.92 13.53
CA LYS A 270 -17.26 21.49 13.78
C LYS A 270 -15.84 20.96 13.69
N ILE A 271 -14.89 21.79 13.29
CA ILE A 271 -13.53 21.36 13.09
C ILE A 271 -12.73 22.00 14.20
N THR A 272 -11.94 21.21 14.94
CA THR A 272 -11.18 21.86 16.01
C THR A 272 -10.10 22.73 15.38
N PRO A 273 -9.64 23.75 16.09
CA PRO A 273 -8.60 24.64 15.54
C PRO A 273 -7.35 23.92 15.10
N GLU A 274 -6.88 22.92 15.86
CA GLU A 274 -5.65 22.23 15.48
C GLU A 274 -5.85 21.31 14.28
N CYS A 275 -6.99 20.64 14.21
CA CYS A 275 -7.30 19.86 13.02
C CYS A 275 -7.37 20.77 11.78
N PHE A 276 -8.11 21.87 11.90
CA PHE A 276 -8.30 22.79 10.79
C PHE A 276 -6.96 23.28 10.26
N LYS A 277 -6.07 23.69 11.15
CA LYS A 277 -4.76 24.17 10.72
C LYS A 277 -3.96 23.06 10.06
N LYS A 278 -3.96 21.85 10.64
CA LYS A 278 -3.19 20.77 10.05
C LYS A 278 -3.75 20.40 8.68
N PHE A 279 -5.07 20.29 8.57
CA PHE A 279 -5.69 19.91 7.31
C PHE A 279 -5.40 20.98 6.25
N ALA A 280 -5.62 22.25 6.60
CA ALA A 280 -5.45 23.33 5.64
C ALA A 280 -4.00 23.45 5.21
N GLU A 281 -3.05 23.33 6.15
CA GLU A 281 -1.65 23.44 5.75
C GLU A 281 -1.22 22.30 4.85
N THR A 282 -1.77 21.12 5.08
CA THR A 282 -1.46 19.99 4.21
C THR A 282 -1.98 20.24 2.80
N ALA A 283 -3.23 20.69 2.68
CA ALA A 283 -3.77 20.95 1.34
C ALA A 283 -2.99 22.06 0.65
N MET A 284 -2.59 23.10 1.39
CA MET A 284 -1.84 24.21 0.76
C MET A 284 -0.51 23.73 0.18
N LYS A 285 0.21 22.88 0.92
CA LYS A 285 1.46 22.32 0.42
C LYS A 285 1.25 21.48 -0.85
N CYS A 286 0.12 20.78 -0.96
CA CYS A 286 -0.10 19.96 -2.14
C CYS A 286 -0.28 20.80 -3.41
N VAL A 287 -0.75 22.03 -3.31
CA VAL A 287 -1.02 22.83 -4.50
C VAL A 287 0.03 23.91 -4.71
N LEU A 288 1.22 23.75 -4.11
CA LEU A 288 2.31 24.66 -4.43
C LEU A 288 2.60 24.60 -5.93
N ASP A 289 3.11 25.73 -6.46
CA ASP A 289 3.40 25.89 -7.88
C ASP A 289 4.42 24.89 -8.41
N GLN A 290 5.40 24.51 -7.59
CA GLN A 290 6.51 23.68 -8.06
C GLN A 290 6.41 22.31 -7.42
N GLY A 291 6.42 21.26 -8.26
CA GLY A 291 6.19 19.92 -7.75
C GLY A 291 7.27 19.49 -6.80
N ILE A 292 8.50 19.97 -7.01
CA ILE A 292 9.57 19.51 -6.14
C ILE A 292 9.34 19.93 -4.69
N GLU A 293 8.58 21.02 -4.44
CA GLU A 293 8.26 21.49 -3.09
C GLU A 293 7.03 20.83 -2.47
N ARG A 294 6.27 20.06 -3.23
CA ARG A 294 5.07 19.43 -2.72
C ARG A 294 5.45 18.19 -1.89
N PRO A 295 4.62 17.78 -0.94
CA PRO A 295 4.90 16.53 -0.20
C PRO A 295 4.64 15.32 -1.09
N SER A 296 5.25 14.20 -0.71
CA SER A 296 4.85 12.91 -1.25
C SER A 296 3.46 12.53 -0.71
N MET A 297 2.79 11.58 -1.38
CA MET A 297 1.52 11.07 -0.86
C MET A 297 1.67 10.41 0.51
N GLY A 298 2.81 9.78 0.79
CA GLY A 298 2.98 9.20 2.14
C GLY A 298 2.98 10.28 3.20
N ASP A 299 3.60 11.43 2.89
CA ASP A 299 3.58 12.56 3.81
C ASP A 299 2.17 13.15 3.94
N VAL A 300 1.42 13.22 2.84
CA VAL A 300 0.03 13.71 2.89
C VAL A 300 -0.81 12.80 3.77
N LEU A 301 -0.69 11.49 3.53
CA LEU A 301 -1.47 10.51 4.27
C LEU A 301 -1.22 10.61 5.79
N TRP A 302 0.04 10.66 6.18
CA TRP A 302 0.34 10.79 7.62
C TRP A 302 -0.21 12.09 8.20
N ASN A 303 -0.09 13.20 7.45
CA ASN A 303 -0.60 14.45 8.01
C ASN A 303 -2.12 14.44 8.16
N LEU A 304 -2.83 13.74 7.27
CA LEU A 304 -4.29 13.63 7.42
C LEU A 304 -4.67 12.79 8.62
N GLU A 305 -3.97 11.67 8.83
CA GLU A 305 -4.25 10.85 10.03
C GLU A 305 -3.88 11.60 11.29
N PHE A 306 -2.84 12.41 11.22
CA PHE A 306 -2.55 13.29 12.35
C PHE A 306 -3.66 14.30 12.56
N ALA A 307 -4.17 14.89 11.46
CA ALA A 307 -5.30 15.81 11.60
C ALA A 307 -6.50 15.12 12.22
N LEU A 308 -6.80 13.89 11.80
CA LEU A 308 -7.91 13.17 12.42
C LEU A 308 -7.68 12.96 13.93
N GLN A 309 -6.46 12.65 14.35
CA GLN A 309 -6.23 12.53 15.81
C GLN A 309 -6.43 13.86 16.51
N LEU A 310 -6.02 14.96 15.88
CA LEU A 310 -6.21 16.28 16.47
C LEU A 310 -7.67 16.68 16.53
N GLN A 311 -8.53 16.05 15.73
CA GLN A 311 -9.94 16.36 15.81
C GLN A 311 -10.56 15.74 17.08
N GLU A 312 -10.02 14.63 17.57
CA GLU A 312 -10.61 13.98 18.75
C GLU A 312 -10.23 14.65 20.07
N ARG B 19 -1.98 -20.49 -12.48
CA ARG B 19 -0.91 -20.44 -11.44
C ARG B 19 -0.62 -21.87 -10.96
N HIS B 20 -1.16 -22.88 -11.64
CA HIS B 20 -0.89 -24.26 -11.26
C HIS B 20 0.16 -24.85 -12.18
N PHE B 21 1.23 -25.37 -11.58
CA PHE B 21 2.32 -25.97 -12.31
C PHE B 21 2.18 -27.47 -12.30
N SER B 22 2.47 -28.08 -13.44
CA SER B 22 2.66 -29.51 -13.52
C SER B 22 3.88 -29.92 -12.73
N PHE B 23 3.89 -31.18 -12.29
CA PHE B 23 5.08 -31.66 -11.61
C PHE B 23 6.27 -31.73 -12.57
N ALA B 24 6.01 -31.97 -13.86
CA ALA B 24 7.09 -32.01 -14.84
C ALA B 24 7.71 -30.63 -15.05
N GLU B 25 6.90 -29.58 -15.03
CA GLU B 25 7.45 -28.23 -15.12
C GLU B 25 8.37 -27.96 -13.95
N ILE B 26 7.96 -28.33 -12.73
CA ILE B 26 8.81 -28.12 -11.57
C ILE B 26 10.12 -28.90 -11.70
N LYS B 27 10.05 -30.13 -12.20
CA LYS B 27 11.26 -30.93 -12.38
C LYS B 27 12.22 -30.26 -13.37
N ALA B 28 11.69 -29.68 -14.45
CA ALA B 28 12.53 -29.00 -15.42
C ALA B 28 13.06 -27.69 -14.87
N ALA B 29 12.23 -26.97 -14.11
CA ALA B 29 12.67 -25.70 -13.52
C ALA B 29 13.85 -25.91 -12.59
N THR B 30 13.91 -27.06 -11.91
CA THR B 30 14.93 -27.32 -10.91
C THR B 30 15.96 -28.33 -11.37
N LYS B 31 15.87 -28.83 -12.61
CA LYS B 31 16.79 -29.86 -13.07
C LYS B 31 16.66 -31.08 -12.16
N ASN B 32 15.40 -31.45 -11.89
CA ASN B 32 15.07 -32.58 -11.04
C ASN B 32 15.66 -32.43 -9.64
N PHE B 33 15.31 -31.31 -9.00
CA PHE B 33 15.69 -31.02 -7.62
C PHE B 33 17.16 -31.33 -7.36
N ASP B 34 18.00 -30.84 -8.27
CA ASP B 34 19.44 -31.01 -8.15
C ASP B 34 19.93 -30.32 -6.87
N GLU B 35 20.85 -30.98 -6.15
CA GLU B 35 21.35 -30.41 -4.90
C GLU B 35 22.17 -29.14 -5.14
N SER B 36 22.79 -29.03 -6.31
CA SER B 36 23.38 -27.79 -6.83
C SER B 36 22.50 -26.55 -6.65
N ARG B 37 21.18 -26.71 -6.69
CA ARG B 37 20.26 -25.58 -6.71
C ARG B 37 19.57 -25.32 -5.38
N VAL B 38 19.94 -26.04 -4.33
CA VAL B 38 19.39 -25.79 -3.00
C VAL B 38 19.94 -24.48 -2.46
N LEU B 39 19.04 -23.53 -2.14
CA LEU B 39 19.43 -22.26 -1.56
C LEU B 39 19.45 -22.29 -0.05
N GLY B 40 18.72 -23.22 0.54
CA GLY B 40 18.59 -23.30 1.99
C GLY B 40 17.53 -24.32 2.31
N VAL B 41 17.48 -24.68 3.58
CA VAL B 41 16.51 -25.64 4.09
C VAL B 41 15.85 -25.07 5.34
N GLY B 42 14.56 -25.37 5.49
CA GLY B 42 13.75 -24.91 6.61
C GLY B 42 12.58 -25.85 6.82
N GLY B 43 11.86 -25.61 7.90
CA GLY B 43 10.80 -26.48 8.36
C GLY B 43 9.80 -26.93 7.34
N PHE B 44 9.51 -26.10 6.34
CA PHE B 44 8.61 -26.56 5.30
C PHE B 44 9.31 -27.57 4.40
N GLY B 45 10.59 -27.37 4.11
CA GLY B 45 11.37 -28.26 3.27
C GLY B 45 12.52 -27.51 2.60
N LYS B 46 13.10 -28.11 1.57
CA LYS B 46 14.22 -27.47 0.90
C LYS B 46 13.70 -26.46 -0.12
N VAL B 47 14.52 -25.45 -0.39
CA VAL B 47 14.20 -24.36 -1.32
C VAL B 47 15.22 -24.42 -2.46
N TYR B 48 14.74 -24.44 -3.69
CA TYR B 48 15.58 -24.58 -4.88
C TYR B 48 15.52 -23.34 -5.75
N ARG B 49 16.62 -23.05 -6.44
CA ARG B 49 16.63 -22.03 -7.49
C ARG B 49 16.20 -22.65 -8.81
N GLY B 50 15.31 -21.97 -9.53
CA GLY B 50 14.86 -22.47 -10.82
C GLY B 50 14.58 -21.35 -11.79
N GLU B 51 14.23 -21.76 -13.01
CA GLU B 51 13.68 -20.81 -13.97
C GLU B 51 12.52 -21.46 -14.69
N ILE B 52 11.56 -20.64 -15.08
CA ILE B 52 10.36 -21.09 -15.76
C ILE B 52 10.23 -20.24 -17.02
N ASP B 53 9.25 -20.59 -17.84
CA ASP B 53 8.86 -19.75 -18.97
C ASP B 53 10.00 -19.59 -19.97
N GLY B 54 10.60 -20.72 -20.34
CA GLY B 54 11.73 -20.71 -21.27
C GLY B 54 12.91 -19.90 -20.79
N GLY B 55 13.14 -19.87 -19.49
CA GLY B 55 14.31 -19.20 -18.96
C GLY B 55 14.17 -17.72 -18.79
N THR B 56 12.99 -17.16 -18.95
CA THR B 56 12.84 -15.73 -18.76
C THR B 56 12.57 -15.33 -17.31
N THR B 57 12.13 -16.26 -16.46
CA THR B 57 11.69 -15.92 -15.11
C THR B 57 12.43 -16.79 -14.10
N LYS B 58 13.14 -16.15 -13.17
CA LYS B 58 13.86 -16.86 -12.11
C LYS B 58 12.95 -17.10 -10.92
N VAL B 59 13.02 -18.30 -10.35
CA VAL B 59 12.06 -18.65 -9.33
C VAL B 59 12.74 -19.32 -8.14
N ALA B 60 12.11 -19.20 -6.98
CA ALA B 60 12.46 -19.97 -5.80
C ALA B 60 11.33 -20.96 -5.57
N ILE B 61 11.68 -22.22 -5.39
CA ILE B 61 10.72 -23.31 -5.33
C ILE B 61 10.84 -24.00 -3.97
N ARG B 62 9.75 -23.99 -3.21
CA ARG B 62 9.76 -24.62 -1.88
C ARG B 62 9.04 -25.95 -1.97
N ARG B 63 9.73 -27.01 -1.57
CA ARG B 63 9.22 -28.37 -1.67
C ARG B 63 8.91 -28.84 -0.27
N GLY B 64 7.63 -28.94 0.04
CA GLY B 64 7.17 -29.39 1.35
C GLY B 64 6.86 -30.87 1.39
N ASN B 65 6.41 -31.31 2.55
CA ASN B 65 6.02 -32.70 2.77
C ASN B 65 4.55 -32.79 3.16
N PRO B 66 3.71 -33.46 2.36
CA PRO B 66 2.27 -33.48 2.65
C PRO B 66 1.89 -34.34 3.85
N MET B 67 2.82 -35.10 4.42
CA MET B 67 2.49 -35.84 5.63
C MET B 67 2.40 -34.94 6.85
N SER B 68 2.97 -33.74 6.79
CA SER B 68 3.05 -32.89 7.96
C SER B 68 1.76 -32.08 8.05
N GLU B 69 1.05 -32.25 9.17
CA GLU B 69 -0.18 -31.48 9.36
C GLU B 69 0.11 -29.99 9.34
N GLN B 70 1.18 -29.58 10.03
CA GLN B 70 1.55 -28.18 10.08
C GLN B 70 2.03 -27.68 8.71
N GLY B 71 2.84 -28.48 8.03
CA GLY B 71 3.28 -28.11 6.69
C GLY B 71 2.11 -27.87 5.77
N VAL B 72 1.11 -28.74 5.83
CA VAL B 72 -0.08 -28.57 5.00
C VAL B 72 -0.82 -27.29 5.37
N HIS B 73 -0.90 -26.99 6.67
CA HIS B 73 -1.61 -25.78 7.08
C HIS B 73 -0.90 -24.54 6.58
N GLU B 74 0.43 -24.52 6.64
CA GLU B 74 1.16 -23.35 6.16
C GLU B 74 1.03 -23.22 4.63
N PHE B 75 1.13 -24.35 3.94
CA PHE B 75 0.91 -24.39 2.49
C PHE B 75 -0.43 -23.75 2.12
N GLN B 76 -1.52 -24.21 2.73
CA GLN B 76 -2.83 -23.68 2.36
C GLN B 76 -2.99 -22.22 2.78
N THR B 77 -2.45 -21.85 3.94
CA THR B 77 -2.55 -20.46 4.39
C THR B 77 -1.81 -19.54 3.44
N GLU B 78 -0.59 -19.93 3.05
CA GLU B 78 0.22 -19.13 2.13
C GLU B 78 -0.52 -18.91 0.81
N ILE B 79 -1.12 -19.97 0.26
CA ILE B 79 -1.86 -19.84 -1.00
C ILE B 79 -3.06 -18.92 -0.81
N GLU B 80 -3.84 -19.14 0.26
CA GLU B 80 -5.04 -18.35 0.46
C GLU B 80 -4.71 -16.89 0.69
N MET B 81 -3.59 -16.60 1.33
CA MET B 81 -3.23 -15.22 1.61
C MET B 81 -2.60 -14.54 0.39
N LEU B 82 -1.56 -15.16 -0.19
CA LEU B 82 -0.76 -14.46 -1.16
C LEU B 82 -1.46 -14.31 -2.50
N SER B 83 -2.32 -15.26 -2.87
CA SER B 83 -3.04 -15.18 -4.13
C SER B 83 -3.85 -13.89 -4.28
N LYS B 84 -4.14 -13.18 -3.18
CA LYS B 84 -4.99 -12.00 -3.26
C LYS B 84 -4.23 -10.70 -3.02
N LEU B 85 -2.92 -10.77 -2.81
CA LEU B 85 -2.11 -9.60 -2.50
C LEU B 85 -1.19 -9.26 -3.65
N ARG B 86 -0.90 -7.98 -3.80
CA ARG B 86 0.04 -7.52 -4.81
C ARG B 86 0.68 -6.28 -4.27
N HIS B 87 1.98 -6.34 -4.03
CA HIS B 87 2.66 -5.18 -3.52
C HIS B 87 4.15 -5.34 -3.80
N ARG B 88 4.78 -4.24 -4.24
CA ARG B 88 6.21 -4.24 -4.50
C ARG B 88 7.07 -4.78 -3.32
N HIS B 89 6.62 -4.67 -2.06
CA HIS B 89 7.45 -5.10 -0.93
C HIS B 89 6.91 -6.36 -0.26
N LEU B 90 6.22 -7.18 -1.03
CA LEU B 90 5.80 -8.53 -0.65
C LEU B 90 6.39 -9.48 -1.67
N VAL B 91 6.92 -10.62 -1.21
CA VAL B 91 7.33 -11.64 -2.16
C VAL B 91 6.08 -12.13 -2.91
N SER B 92 6.22 -12.31 -4.21
CA SER B 92 5.09 -12.73 -5.02
C SER B 92 5.01 -14.25 -5.13
N LEU B 93 3.82 -14.80 -4.94
CA LEU B 93 3.57 -16.20 -5.21
C LEU B 93 3.22 -16.36 -6.68
N ILE B 94 4.06 -17.06 -7.41
CA ILE B 94 3.76 -17.26 -8.83
C ILE B 94 2.77 -18.40 -9.01
N GLY B 95 2.95 -19.48 -8.25
CA GLY B 95 2.01 -20.58 -8.31
C GLY B 95 2.34 -21.70 -7.35
N TYR B 96 1.77 -22.88 -7.61
CA TYR B 96 1.96 -24.03 -6.73
C TYR B 96 1.77 -25.31 -7.53
N CYS B 97 2.16 -26.42 -6.90
CA CYS B 97 2.01 -27.75 -7.46
C CYS B 97 1.55 -28.72 -6.39
N GLU B 98 0.46 -29.44 -6.67
CA GLU B 98 -0.11 -30.46 -5.77
C GLU B 98 -0.04 -31.87 -6.37
N GLU B 99 0.62 -32.05 -7.50
CA GLU B 99 0.62 -33.33 -8.20
C GLU B 99 1.65 -34.31 -7.65
N ASN B 100 1.35 -35.61 -7.79
CA ASN B 100 2.30 -36.67 -7.41
C ASN B 100 2.62 -36.70 -5.91
N CYS B 101 1.65 -36.35 -5.07
CA CYS B 101 1.84 -36.20 -3.63
C CYS B 101 3.02 -35.28 -3.31
N GLU B 102 3.00 -34.11 -3.93
CA GLU B 102 3.96 -33.07 -3.58
C GLU B 102 3.18 -31.86 -3.11
N MET B 103 3.89 -30.95 -2.45
CA MET B 103 3.36 -29.69 -1.90
C MET B 103 4.41 -28.66 -2.26
N ILE B 104 4.24 -27.96 -3.38
CA ILE B 104 5.27 -27.10 -3.94
C ILE B 104 4.73 -25.69 -4.10
N LEU B 105 5.52 -24.72 -3.63
CA LEU B 105 5.23 -23.31 -3.80
C LEU B 105 6.30 -22.69 -4.70
N VAL B 106 5.87 -21.78 -5.58
CA VAL B 106 6.75 -21.14 -6.54
C VAL B 106 6.66 -19.64 -6.31
N TYR B 107 7.79 -19.02 -5.97
CA TYR B 107 7.90 -17.60 -5.68
C TYR B 107 8.87 -16.95 -6.66
N ASP B 108 8.83 -15.61 -6.84
CA ASP B 108 10.02 -15.07 -7.50
C ASP B 108 11.26 -15.12 -6.63
N TYR B 109 12.36 -15.32 -7.33
CA TYR B 109 13.68 -15.49 -6.78
C TYR B 109 14.21 -14.17 -6.21
N MET B 110 14.70 -14.23 -4.98
CA MET B 110 15.25 -13.06 -4.30
C MET B 110 16.76 -13.28 -4.20
N ALA B 111 17.49 -12.67 -5.15
CA ALA B 111 18.89 -13.05 -5.40
C ALA B 111 19.82 -12.80 -4.23
N HIS B 112 19.51 -11.86 -3.33
CA HIS B 112 20.41 -11.57 -2.23
C HIS B 112 19.98 -12.16 -0.90
N GLY B 113 18.97 -13.04 -0.90
CA GLY B 113 18.71 -13.82 0.29
C GLY B 113 18.04 -13.00 1.37
N THR B 114 18.32 -13.35 2.62
CA THR B 114 17.65 -12.73 3.76
C THR B 114 18.39 -11.50 4.23
N MET B 115 17.64 -10.60 4.84
CA MET B 115 18.26 -9.47 5.50
C MET B 115 19.28 -9.95 6.54
N ARG B 116 18.92 -10.99 7.30
CA ARG B 116 19.80 -11.46 8.40
C ARG B 116 21.17 -11.89 7.90
N GLU B 117 21.24 -12.59 6.77
CA GLU B 117 22.55 -13.01 6.26
C GLU B 117 23.41 -11.84 5.74
N HIS B 118 22.95 -10.60 5.77
CA HIS B 118 23.81 -9.45 5.49
C HIS B 118 24.08 -8.63 6.75
N LEU B 119 23.66 -9.11 7.92
CA LEU B 119 23.81 -8.35 9.16
C LEU B 119 24.86 -8.94 10.09
N TYR B 120 24.91 -10.26 10.23
CA TYR B 120 25.82 -10.85 11.20
C TYR B 120 25.92 -12.34 10.91
N LYS B 121 26.91 -12.98 11.53
CA LYS B 121 27.16 -14.43 11.39
C LYS B 121 27.23 -14.83 9.94
N THR B 122 28.06 -14.11 9.19
CA THR B 122 28.05 -14.16 7.74
C THR B 122 29.42 -13.73 7.26
N GLN B 123 29.76 -14.10 6.03
CA GLN B 123 30.93 -13.47 5.43
C GLN B 123 30.55 -12.47 4.33
N ASN B 124 29.28 -12.13 4.23
CA ASN B 124 28.88 -11.02 3.38
C ASN B 124 29.39 -9.70 3.96
N PRO B 125 29.76 -8.74 3.13
CA PRO B 125 30.14 -7.42 3.64
C PRO B 125 28.96 -6.73 4.29
N SER B 126 29.26 -5.77 5.15
CA SER B 126 28.21 -5.06 5.87
C SER B 126 27.46 -4.10 4.96
N LEU B 127 26.24 -3.86 5.30
CA LEU B 127 25.43 -3.00 4.47
C LEU B 127 25.65 -1.56 4.88
N PRO B 128 25.85 -0.67 3.92
CA PRO B 128 25.93 0.77 4.20
C PRO B 128 24.68 1.23 4.94
N TRP B 129 24.77 2.31 5.71
CA TRP B 129 23.66 2.73 6.57
C TRP B 129 22.43 3.11 5.73
N LYS B 130 22.61 3.93 4.70
CA LYS B 130 21.41 4.38 3.97
C LYS B 130 20.72 3.16 3.33
N GLN B 131 21.51 2.21 2.84
CA GLN B 131 20.96 0.96 2.31
C GLN B 131 20.14 0.19 3.37
N ARG B 132 20.64 0.10 4.62
CA ARG B 132 19.84 -0.53 5.68
C ARG B 132 18.54 0.21 5.92
N LEU B 133 18.59 1.55 5.94
CA LEU B 133 17.38 2.32 6.16
C LEU B 133 16.37 2.09 5.04
N GLU B 134 16.84 2.06 3.79
CA GLU B 134 15.93 1.80 2.66
C GLU B 134 15.31 0.41 2.75
N ILE B 135 16.08 -0.57 3.24
CA ILE B 135 15.50 -1.91 3.41
C ILE B 135 14.43 -1.89 4.49
N CYS B 136 14.67 -1.17 5.59
CA CYS B 136 13.67 -1.14 6.66
C CYS B 136 12.44 -0.38 6.21
N ILE B 137 12.62 0.68 5.41
CA ILE B 137 11.48 1.41 4.86
C ILE B 137 10.69 0.52 3.93
N GLY B 138 11.38 -0.27 3.09
CA GLY B 138 10.70 -1.18 2.20
C GLY B 138 9.86 -2.21 2.94
N ALA B 139 10.43 -2.81 3.99
CA ALA B 139 9.66 -3.75 4.80
C ALA B 139 8.48 -3.06 5.48
N ALA B 140 8.66 -1.84 5.96
CA ALA B 140 7.54 -1.13 6.59
C ALA B 140 6.39 -0.89 5.60
N ARG B 141 6.72 -0.55 4.33
CA ARG B 141 5.67 -0.39 3.33
C ARG B 141 4.91 -1.67 3.11
N GLY B 142 5.60 -2.80 3.12
CA GLY B 142 4.89 -4.06 2.95
C GLY B 142 4.00 -4.39 4.13
N LEU B 143 4.49 -4.17 5.35
CA LEU B 143 3.66 -4.41 6.51
C LEU B 143 2.48 -3.43 6.56
N HIS B 144 2.72 -2.17 6.20
CA HIS B 144 1.65 -1.18 6.17
C HIS B 144 0.55 -1.61 5.21
N TYR B 145 0.94 -2.11 4.03
CA TYR B 145 -0.01 -2.74 3.11
C TYR B 145 -0.77 -3.89 3.75
N LEU B 146 -0.09 -4.79 4.47
CA LEU B 146 -0.84 -5.89 5.12
C LEU B 146 -1.91 -5.38 6.06
N HIS B 147 -1.61 -4.28 6.75
CA HIS B 147 -2.51 -3.78 7.78
C HIS B 147 -3.61 -2.88 7.25
N THR B 148 -3.38 -2.20 6.12
CA THR B 148 -4.31 -1.18 5.64
C THR B 148 -4.80 -1.40 4.21
N GLY B 149 -4.18 -2.31 3.45
CA GLY B 149 -4.47 -2.43 2.02
C GLY B 149 -5.17 -3.69 1.53
N ALA B 150 -5.22 -4.74 2.34
CA ALA B 150 -5.93 -5.96 1.97
C ALA B 150 -7.40 -5.85 2.38
N LYS B 151 -8.25 -6.82 1.98
CA LYS B 151 -9.67 -6.72 2.38
C LYS B 151 -9.84 -6.48 3.87
N HIS B 152 -9.22 -7.32 4.68
CA HIS B 152 -9.20 -7.12 6.12
C HIS B 152 -7.75 -7.07 6.56
N THR B 153 -7.53 -6.49 7.73
CA THR B 153 -6.20 -6.48 8.33
C THR B 153 -5.60 -7.87 8.31
N ILE B 154 -4.34 -7.97 7.91
CA ILE B 154 -3.61 -9.24 7.93
C ILE B 154 -2.51 -9.10 8.96
N ILE B 155 -2.49 -10.01 9.91
CA ILE B 155 -1.45 -10.06 10.93
C ILE B 155 -0.46 -11.10 10.44
N HIS B 156 0.76 -10.66 10.13
CA HIS B 156 1.74 -11.56 9.54
C HIS B 156 2.14 -12.64 10.56
N ARG B 157 2.41 -12.21 11.80
CA ARG B 157 2.75 -13.02 12.97
C ARG B 157 4.14 -13.64 12.95
N ASP B 158 4.96 -13.42 11.92
CA ASP B 158 6.31 -13.94 11.95
C ASP B 158 7.28 -12.96 11.32
N VAL B 159 7.19 -11.70 11.73
CA VAL B 159 8.13 -10.68 11.24
C VAL B 159 9.45 -10.91 11.95
N LYS B 160 10.52 -11.08 11.18
CA LYS B 160 11.88 -11.24 11.67
C LYS B 160 12.83 -11.07 10.49
N THR B 161 14.13 -10.96 10.78
CA THR B 161 15.10 -10.63 9.74
C THR B 161 15.34 -11.79 8.77
N THR B 162 14.93 -13.00 9.11
CA THR B 162 15.03 -14.03 8.09
C THR B 162 13.82 -14.01 7.15
N ASN B 163 12.77 -13.24 7.44
CA ASN B 163 11.56 -13.20 6.60
C ASN B 163 11.42 -11.87 5.87
N ILE B 164 12.52 -11.16 5.72
CA ILE B 164 12.69 -10.04 4.83
C ILE B 164 13.78 -10.45 3.84
N LEU B 165 13.41 -10.59 2.58
CA LEU B 165 14.32 -11.04 1.54
C LEU B 165 14.70 -9.85 0.68
N LEU B 166 15.82 -10.00 -0.03
CA LEU B 166 16.39 -8.91 -0.82
C LEU B 166 16.53 -9.40 -2.26
N ASP B 167 15.99 -8.64 -3.20
CA ASP B 167 16.12 -9.06 -4.60
C ASP B 167 17.39 -8.50 -5.21
N GLU B 168 17.58 -8.72 -6.52
CA GLU B 168 18.85 -8.38 -7.17
C GLU B 168 19.16 -6.90 -7.09
N LYS B 169 18.14 -6.04 -7.00
CA LYS B 169 18.38 -4.62 -6.82
C LYS B 169 18.25 -4.19 -5.35
N TRP B 170 18.31 -5.13 -4.42
CA TRP B 170 18.28 -4.89 -2.97
C TRP B 170 16.93 -4.37 -2.47
N VAL B 171 15.86 -4.59 -3.22
CA VAL B 171 14.52 -4.20 -2.77
C VAL B 171 14.05 -5.21 -1.72
N ALA B 172 13.56 -4.69 -0.59
CA ALA B 172 13.19 -5.56 0.53
C ALA B 172 11.77 -6.09 0.33
N LYS B 173 11.57 -7.38 0.54
CA LYS B 173 10.21 -7.92 0.41
C LYS B 173 9.90 -8.82 1.60
N VAL B 174 8.74 -8.61 2.22
CA VAL B 174 8.25 -9.45 3.31
C VAL B 174 7.83 -10.80 2.75
N SER B 175 8.24 -11.88 3.43
CA SER B 175 7.95 -13.22 2.97
C SER B 175 7.44 -14.07 4.12
N ASP B 176 7.12 -15.32 3.79
CA ASP B 176 6.81 -16.41 4.73
C ASP B 176 5.52 -16.13 5.47
N PHE B 177 4.41 -16.39 4.77
CA PHE B 177 3.07 -16.08 5.24
C PHE B 177 2.36 -17.27 5.85
N GLY B 178 3.07 -18.36 6.12
CA GLY B 178 2.46 -19.58 6.61
C GLY B 178 1.74 -19.44 7.92
N LEU B 179 2.08 -18.43 8.72
CA LEU B 179 1.44 -18.29 10.02
C LEU B 179 0.47 -17.11 10.08
N SER B 180 0.31 -16.39 8.98
CA SER B 180 -0.45 -15.14 9.02
C SER B 180 -1.93 -15.41 9.26
N LYS B 181 -2.65 -14.40 9.74
CA LYS B 181 -4.06 -14.56 10.04
C LYS B 181 -4.79 -13.31 9.60
N THR B 182 -6.09 -13.45 9.38
CA THR B 182 -6.87 -12.30 8.96
C THR B 182 -7.51 -11.63 10.17
N GLY B 183 -7.76 -10.32 10.04
CA GLY B 183 -8.66 -9.62 10.91
C GLY B 183 -7.96 -9.21 12.18
N PRO B 184 -8.37 -8.08 12.78
CA PRO B 184 -7.82 -7.74 14.11
C PRO B 184 -8.42 -8.64 15.19
N THR B 185 -7.96 -8.50 16.43
CA THR B 185 -8.47 -9.28 17.56
C THR B 185 -8.49 -10.79 17.26
N SER B 198 8.65 -16.37 16.82
CA SER B 198 10.06 -16.70 17.05
C SER B 198 10.60 -15.91 18.24
N PHE B 199 11.55 -16.51 18.95
CA PHE B 199 11.70 -16.22 20.37
C PHE B 199 11.96 -14.74 20.65
N GLY B 200 13.03 -14.19 20.10
CA GLY B 200 13.25 -12.79 20.45
C GLY B 200 12.27 -11.79 19.82
N TYR B 201 11.29 -12.28 19.06
CA TYR B 201 10.39 -11.39 18.33
C TYR B 201 8.97 -11.46 18.84
N LEU B 202 8.68 -12.34 19.79
CA LEU B 202 7.31 -12.58 20.19
C LEU B 202 6.76 -11.44 21.04
N ASP B 203 5.59 -10.95 20.67
CA ASP B 203 4.95 -9.93 21.49
C ASP B 203 4.73 -10.41 22.93
N PRO B 204 5.36 -9.79 23.93
CA PRO B 204 5.14 -10.26 25.32
C PRO B 204 3.70 -10.08 25.79
N GLU B 205 2.99 -9.13 25.21
CA GLU B 205 1.59 -8.96 25.58
C GLU B 205 0.76 -10.18 25.20
N TYR B 206 1.21 -10.96 24.21
CA TYR B 206 0.52 -12.17 23.83
C TYR B 206 0.43 -13.18 25.00
N PHE B 207 1.49 -13.32 25.79
CA PHE B 207 1.42 -14.24 26.93
C PHE B 207 0.67 -13.69 28.11
N ARG B 208 0.02 -12.55 27.94
CA ARG B 208 -0.62 -11.89 29.06
C ARG B 208 -2.07 -11.61 28.69
N ARG B 209 -2.30 -11.09 27.49
CA ARG B 209 -3.65 -10.79 27.01
C ARG B 209 -4.25 -11.94 26.19
N GLN B 210 -3.45 -12.96 25.86
CA GLN B 210 -3.89 -14.13 25.09
C GLN B 210 -4.51 -13.69 23.77
N GLN B 211 -4.01 -12.58 23.23
CA GLN B 211 -4.59 -11.99 22.04
C GLN B 211 -3.49 -11.56 21.08
N LEU B 212 -3.82 -11.53 19.80
CA LEU B 212 -2.95 -10.96 18.80
C LEU B 212 -3.66 -9.87 18.02
N THR B 213 -2.92 -8.82 17.70
CA THR B 213 -3.42 -7.68 16.94
C THR B 213 -2.30 -7.22 16.02
N GLU B 214 -2.63 -6.33 15.09
CA GLU B 214 -1.57 -5.89 14.20
C GLU B 214 -0.45 -5.17 14.95
N LYS B 215 -0.71 -4.71 16.18
CA LYS B 215 0.35 -4.17 17.02
C LYS B 215 1.39 -5.23 17.39
N SER B 216 1.07 -6.53 17.26
CA SER B 216 2.11 -7.53 17.49
C SER B 216 3.11 -7.58 16.35
N ASP B 217 2.67 -7.31 15.11
CA ASP B 217 3.63 -7.11 14.03
C ASP B 217 4.49 -5.89 14.28
N VAL B 218 3.88 -4.83 14.83
CA VAL B 218 4.65 -3.61 15.10
C VAL B 218 5.79 -3.90 16.09
N TYR B 219 5.50 -4.64 17.15
CA TYR B 219 6.52 -5.04 18.11
C TYR B 219 7.67 -5.80 17.43
N SER B 220 7.34 -6.88 16.72
CA SER B 220 8.34 -7.65 15.98
C SER B 220 9.16 -6.78 15.08
N PHE B 221 8.52 -5.81 14.43
CA PHE B 221 9.28 -4.98 13.50
C PHE B 221 10.23 -4.05 14.26
N GLY B 222 9.83 -3.59 15.44
CA GLY B 222 10.77 -2.82 16.24
C GLY B 222 12.02 -3.61 16.56
N VAL B 223 11.87 -4.92 16.76
CA VAL B 223 13.02 -5.76 17.05
C VAL B 223 13.91 -5.82 15.83
N VAL B 224 13.28 -5.94 14.64
CA VAL B 224 14.01 -5.92 13.39
C VAL B 224 14.78 -4.63 13.25
N LEU B 225 14.18 -3.48 13.61
CA LEU B 225 14.93 -2.21 13.54
C LEU B 225 16.16 -2.21 14.44
N PHE B 226 16.05 -2.71 15.69
CA PHE B 226 17.23 -2.73 16.57
C PHE B 226 18.31 -3.68 16.05
N GLU B 227 17.89 -4.78 15.41
CA GLU B 227 18.80 -5.69 14.73
C GLU B 227 19.53 -5.03 13.56
N ALA B 228 18.85 -4.21 12.76
CA ALA B 228 19.58 -3.50 11.71
C ALA B 228 20.60 -2.55 12.31
N LEU B 229 20.31 -1.99 13.47
CA LEU B 229 21.23 -1.01 14.04
C LEU B 229 22.39 -1.68 14.77
N CYS B 230 22.12 -2.76 15.50
CA CYS B 230 23.10 -3.36 16.40
C CYS B 230 23.82 -4.55 15.80
N ALA B 231 23.32 -5.09 14.69
CA ALA B 231 23.95 -6.24 14.01
C ALA B 231 24.21 -7.39 14.98
N ARG B 232 23.18 -7.79 15.72
CA ARG B 232 23.29 -8.99 16.58
C ARG B 232 21.91 -9.63 16.65
N PRO B 233 21.85 -10.93 17.05
CA PRO B 233 20.54 -11.61 17.14
C PRO B 233 19.57 -10.97 18.12
N ALA B 234 18.27 -11.11 17.83
CA ALA B 234 17.23 -10.61 18.73
C ALA B 234 17.30 -11.27 20.10
N LEU B 235 17.67 -12.54 20.14
CA LEU B 235 17.79 -13.30 21.37
C LEU B 235 19.15 -13.99 21.33
N ASN B 236 20.00 -13.70 22.30
CA ASN B 236 21.27 -14.40 22.48
C ASN B 236 21.27 -15.02 23.87
N PRO B 237 20.99 -16.32 23.98
CA PRO B 237 20.77 -16.93 25.29
C PRO B 237 22.02 -17.13 26.11
N THR B 238 23.20 -16.81 25.60
CA THR B 238 24.44 -17.02 26.37
C THR B 238 24.90 -15.80 27.15
N LEU B 239 24.24 -14.65 26.97
CA LEU B 239 24.70 -13.36 27.44
C LEU B 239 24.31 -13.11 28.90
N ALA B 240 24.88 -12.05 29.48
CA ALA B 240 24.39 -11.55 30.75
C ALA B 240 22.88 -11.36 30.67
N LYS B 241 22.20 -11.69 31.76
CA LYS B 241 20.73 -11.69 31.76
C LYS B 241 20.11 -10.44 31.12
N GLU B 242 20.65 -9.24 31.41
CA GLU B 242 20.02 -8.02 30.90
C GLU B 242 20.19 -7.84 29.38
N GLN B 243 21.14 -8.54 28.76
CA GLN B 243 21.45 -8.38 27.34
C GLN B 243 20.80 -9.46 26.47
N VAL B 244 20.24 -10.50 27.07
CA VAL B 244 19.76 -11.67 26.31
C VAL B 244 18.82 -11.24 25.22
N SER B 245 17.82 -10.45 25.58
CA SER B 245 16.80 -10.00 24.67
C SER B 245 17.07 -8.58 24.19
N LEU B 246 17.27 -8.43 22.88
CA LEU B 246 17.57 -7.14 22.32
C LEU B 246 16.43 -6.15 22.51
N ALA B 247 15.17 -6.63 22.44
CA ALA B 247 14.01 -5.78 22.69
C ALA B 247 14.01 -5.17 24.09
N GLU B 248 14.68 -5.81 25.05
CA GLU B 248 14.79 -5.18 26.36
C GLU B 248 16.10 -4.39 26.52
N TRP B 249 17.20 -4.92 25.97
CA TRP B 249 18.53 -4.35 26.17
C TRP B 249 18.70 -3.02 25.42
N ALA B 250 18.27 -2.94 24.14
CA ALA B 250 18.54 -1.70 23.41
C ALA B 250 17.80 -0.53 24.03
N PRO B 251 16.48 -0.62 24.34
CA PRO B 251 15.82 0.47 25.08
C PRO B 251 16.49 0.79 26.41
N TYR B 252 16.97 -0.22 27.11
CA TYR B 252 17.69 0.05 28.34
C TYR B 252 18.92 0.93 28.08
N CYS B 253 19.69 0.64 27.03
CA CYS B 253 20.89 1.43 26.79
C CYS B 253 20.54 2.84 26.30
N TYR B 254 19.49 2.96 25.48
CA TYR B 254 19.00 4.27 25.07
C TYR B 254 18.60 5.10 26.28
N LYS B 255 17.88 4.49 27.22
CA LYS B 255 17.48 5.21 28.44
C LYS B 255 18.69 5.64 29.26
N LYS B 256 19.77 4.87 29.26
CA LYS B 256 20.97 5.25 29.98
C LYS B 256 21.89 6.12 29.14
N GLY B 257 21.47 6.53 27.95
CA GLY B 257 22.31 7.33 27.09
C GLY B 257 23.50 6.61 26.47
N MET B 258 23.46 5.26 26.38
CA MET B 258 24.59 4.48 25.88
C MET B 258 24.23 3.60 24.69
N LEU B 259 23.14 3.90 23.99
CA LEU B 259 22.78 3.09 22.83
C LEU B 259 23.88 3.14 21.77
N ASP B 260 24.53 4.29 21.61
CA ASP B 260 25.66 4.41 20.69
C ASP B 260 26.75 3.38 20.94
N GLN B 261 26.86 2.85 22.17
CA GLN B 261 27.92 1.88 22.45
C GLN B 261 27.62 0.47 21.93
N ILE B 262 26.38 0.14 21.61
CA ILE B 262 26.07 -1.21 21.18
C ILE B 262 25.68 -1.27 19.70
N VAL B 263 25.88 -0.15 18.98
CA VAL B 263 25.64 -0.12 17.54
C VAL B 263 26.67 -0.99 16.82
N ASP B 264 26.28 -1.53 15.67
CA ASP B 264 27.20 -2.24 14.79
C ASP B 264 28.49 -1.43 14.61
N PRO B 265 29.68 -2.01 14.85
CA PRO B 265 30.91 -1.21 14.68
C PRO B 265 31.06 -0.64 13.28
N TYR B 266 30.54 -1.31 12.24
CA TYR B 266 30.62 -0.70 10.91
C TYR B 266 29.90 0.65 10.86
N LEU B 267 28.84 0.80 11.63
CA LEU B 267 28.00 2.00 11.56
C LEU B 267 28.50 3.16 12.41
N LYS B 268 29.49 2.95 13.26
CA LYS B 268 29.88 3.99 14.20
C LYS B 268 30.42 5.19 13.45
N GLY B 269 29.91 6.38 13.78
CA GLY B 269 30.28 7.59 13.08
C GLY B 269 29.59 7.84 11.76
N LYS B 270 28.71 6.94 11.31
CA LYS B 270 28.09 7.10 10.01
C LYS B 270 26.66 7.57 10.07
N ILE B 271 26.05 7.61 11.24
CA ILE B 271 24.65 7.99 11.37
C ILE B 271 24.62 9.42 11.90
N THR B 272 23.90 10.30 11.20
CA THR B 272 23.84 11.65 11.71
C THR B 272 23.12 11.66 13.05
N PRO B 273 23.43 12.60 13.93
CA PRO B 273 22.77 12.60 15.26
C PRO B 273 21.27 12.70 15.17
N GLU B 274 20.74 13.51 14.25
CA GLU B 274 19.29 13.60 14.14
C GLU B 274 18.67 12.34 13.52
N CYS B 275 19.33 11.71 12.54
CA CYS B 275 18.79 10.42 12.08
C CYS B 275 18.79 9.40 13.22
N PHE B 276 19.92 9.31 13.93
CA PHE B 276 20.08 8.34 15.02
C PHE B 276 18.96 8.47 16.04
N LYS B 277 18.65 9.71 16.47
CA LYS B 277 17.60 9.90 17.49
C LYS B 277 16.24 9.51 16.95
N LYS B 278 15.93 9.92 15.72
CA LYS B 278 14.64 9.60 15.14
C LYS B 278 14.48 8.09 14.98
N PHE B 279 15.51 7.41 14.48
CA PHE B 279 15.46 5.97 14.28
C PHE B 279 15.29 5.24 15.61
N ALA B 280 16.10 5.62 16.61
CA ALA B 280 16.05 4.94 17.92
C ALA B 280 14.70 5.15 18.60
N GLU B 281 14.21 6.38 18.59
CA GLU B 281 12.92 6.65 19.24
C GLU B 281 11.80 5.90 18.55
N THR B 282 11.87 5.76 17.24
CA THR B 282 10.83 4.99 16.56
C THR B 282 10.87 3.53 16.98
N ALA B 283 12.08 2.95 17.00
CA ALA B 283 12.22 1.55 17.41
C ALA B 283 11.77 1.36 18.85
N MET B 284 12.07 2.31 19.73
CA MET B 284 11.66 2.19 21.13
C MET B 284 10.14 2.14 21.27
N LYS B 285 9.45 3.02 20.56
CA LYS B 285 7.98 3.05 20.55
C LYS B 285 7.42 1.71 20.12
N CYS B 286 8.06 1.08 19.14
CA CYS B 286 7.53 -0.17 18.62
C CYS B 286 7.61 -1.29 19.64
N VAL B 287 8.55 -1.26 20.57
CA VAL B 287 8.69 -2.38 21.52
C VAL B 287 8.14 -2.06 22.89
N LEU B 288 7.23 -1.08 23.00
CA LEU B 288 6.54 -0.85 24.26
C LEU B 288 5.74 -2.10 24.67
N ASP B 289 5.60 -2.23 25.99
CA ASP B 289 5.00 -3.40 26.65
C ASP B 289 3.55 -3.61 26.23
N GLN B 290 2.81 -2.54 26.01
CA GLN B 290 1.38 -2.63 25.73
C GLN B 290 1.11 -2.22 24.29
N GLY B 291 0.41 -3.07 23.56
CA GLY B 291 0.24 -2.83 22.14
C GLY B 291 -0.51 -1.56 21.88
N ILE B 292 -1.42 -1.19 22.78
CA ILE B 292 -2.24 -0.01 22.56
C ILE B 292 -1.40 1.27 22.53
N GLU B 293 -0.24 1.29 23.18
CA GLU B 293 0.61 2.46 23.13
C GLU B 293 1.53 2.48 21.93
N ARG B 294 1.62 1.39 21.18
CA ARG B 294 2.55 1.33 20.07
C ARG B 294 2.00 2.10 18.87
N PRO B 295 2.88 2.58 18.01
CA PRO B 295 2.43 3.29 16.81
C PRO B 295 1.88 2.33 15.77
N SER B 296 1.07 2.87 14.87
CA SER B 296 0.68 2.13 13.67
C SER B 296 1.88 1.95 12.73
N MET B 297 1.79 0.97 11.81
CA MET B 297 2.85 0.84 10.80
C MET B 297 2.93 2.07 9.92
N GLY B 298 1.82 2.76 9.70
CA GLY B 298 1.87 3.97 8.90
C GLY B 298 2.71 5.05 9.57
N ASP B 299 2.65 5.12 10.91
CA ASP B 299 3.45 6.07 11.68
C ASP B 299 4.92 5.65 11.70
N VAL B 300 5.19 4.36 11.82
CA VAL B 300 6.57 3.88 11.74
C VAL B 300 7.17 4.22 10.37
N LEU B 301 6.41 3.94 9.31
CA LEU B 301 6.90 4.18 7.97
C LEU B 301 7.30 5.62 7.76
N TRP B 302 6.41 6.54 8.13
CA TRP B 302 6.67 7.96 7.97
C TRP B 302 7.89 8.38 8.75
N ASN B 303 8.03 7.86 9.98
CA ASN B 303 9.15 8.27 10.81
C ASN B 303 10.48 7.74 10.27
N LEU B 304 10.47 6.56 9.64
CA LEU B 304 11.69 6.03 9.00
C LEU B 304 12.06 6.83 7.77
N GLU B 305 11.07 7.24 6.98
CA GLU B 305 11.38 8.10 5.82
C GLU B 305 11.88 9.45 6.27
N PHE B 306 11.36 9.93 7.39
CA PHE B 306 11.87 11.15 7.99
C PHE B 306 13.32 10.98 8.46
N ALA B 307 13.62 9.85 9.10
CA ALA B 307 14.99 9.56 9.49
C ALA B 307 15.93 9.55 8.30
N LEU B 308 15.50 8.95 7.19
CA LEU B 308 16.32 8.96 5.98
C LEU B 308 16.60 10.38 5.48
N GLN B 309 15.58 11.26 5.47
CA GLN B 309 15.86 12.63 5.06
C GLN B 309 16.85 13.30 6.00
N LEU B 310 16.74 12.99 7.31
CA LEU B 310 17.66 13.56 8.28
C LEU B 310 19.07 13.01 8.11
N GLN B 311 19.22 11.87 7.47
CA GLN B 311 20.57 11.36 7.22
C GLN B 311 21.22 12.09 6.05
N GLU B 312 20.40 12.44 5.05
CA GLU B 312 20.82 13.11 3.82
C GLU B 312 20.96 14.59 3.98
N SER B 313 21.13 15.06 5.21
CA SER B 313 21.03 16.47 5.53
C SER B 313 22.13 16.88 6.50
PG ATP C . -14.51 11.31 -16.51
O1G ATP C . -14.46 12.42 -17.55
O2G ATP C . -14.73 11.82 -15.10
O3G ATP C . -13.42 10.27 -16.62
PB ATP C . -17.24 10.85 -16.06
O1B ATP C . -16.99 12.04 -15.17
O2B ATP C . -18.41 10.92 -17.00
O3B ATP C . -15.89 10.56 -16.91
PA ATP C . -17.76 8.13 -15.57
O1A ATP C . -16.55 7.25 -15.33
O2A ATP C . -18.37 8.24 -16.95
O3A ATP C . -17.43 9.61 -15.04
O5' ATP C . -18.94 7.64 -14.58
C5' ATP C . -20.32 7.63 -14.92
C4' ATP C . -21.12 7.34 -13.66
O4' ATP C . -20.91 5.97 -13.30
C3' ATP C . -20.82 8.16 -12.42
O3' ATP C . -22.09 8.62 -11.97
C2' ATP C . -20.38 7.18 -11.35
O2' ATP C . -21.11 7.44 -10.15
C1' ATP C . -20.83 5.84 -11.90
N9 ATP C . -19.87 4.75 -11.60
C8 ATP C . -18.69 4.55 -12.22
N7 ATP C . -18.05 3.46 -11.69
C5 ATP C . -18.87 2.95 -10.74
C6 ATP C . -18.81 1.80 -9.81
N6 ATP C . -17.77 0.94 -9.78
N1 ATP C . -19.86 1.63 -8.99
C2 ATP C . -20.92 2.45 -9.00
N3 ATP C . -21.03 3.52 -9.81
C4 ATP C . -20.03 3.82 -10.68
MG MG D . -15.03 9.49 -13.63
PG ATP E . 12.10 -19.15 9.85
O1G ATP E . 12.48 -18.71 11.27
O2G ATP E . 12.25 -18.07 8.79
O3G ATP E . 10.76 -19.86 9.84
PB ATP E . 14.36 -20.01 8.35
O1B ATP E . 15.01 -18.75 8.85
O2B ATP E . 15.21 -21.26 8.25
O3B ATP E . 13.06 -20.33 9.27
PA ATP E . 12.98 -20.78 5.98
O1A ATP E . 11.50 -20.46 5.98
O2A ATP E . 13.42 -22.13 6.46
O3A ATP E . 13.75 -19.72 6.89
O5' ATP E . 13.67 -20.44 4.55
C5' ATP E . 14.71 -21.28 4.06
C4' ATP E . 15.67 -20.63 3.04
O4' ATP E . 15.10 -20.41 1.74
C3' ATP E . 16.24 -19.29 3.47
O3' ATP E . 17.66 -19.43 3.57
C2' ATP E . 15.95 -18.31 2.36
O2' ATP E . 17.12 -17.56 1.99
C1' ATP E . 15.57 -19.18 1.19
N9 ATP E . 14.48 -18.52 0.45
C8 ATP E . 13.18 -18.49 0.79
N7 ATP E . 12.44 -17.81 -0.12
C5 ATP E . 13.30 -17.40 -1.08
C6 ATP E . 13.21 -16.61 -2.33
N6 ATP E . 12.02 -16.15 -2.78
N1 ATP E . 14.32 -16.41 -3.04
C2 ATP E . 15.51 -16.87 -2.61
N3 ATP E . 15.68 -17.58 -1.48
C4 ATP E . 14.63 -17.86 -0.69
MG MG F . 11.70 -17.81 6.69
#